data_7Z3R
#
_entry.id   7Z3R
#
_cell.length_a   132.678
_cell.length_b   132.678
_cell.length_c   249.191
_cell.angle_alpha   90
_cell.angle_beta   90
_cell.angle_gamma   120
#
_symmetry.space_group_name_H-M   'H 3 2'
#
loop_
_entity.id
_entity.type
_entity.pdbx_description
1 polymer Leptin
2 polymer 'Leptin receptor'
3 non-polymer 2-acetamido-2-deoxy-beta-D-glucopyranose
4 water water
#
loop_
_entity_poly.entity_id
_entity_poly.type
_entity_poly.pdbx_seq_one_letter_code
_entity_poly.pdbx_strand_id
1 'polypeptide(L)'
;MAVPIQKVQDDTKTLIKTIVTRINDISHTQSVSAKQRVTGLDFIPGLHPILSLSKMDQTLAVYQQVLTSLPSQNVLQIAN
DLENLRDLLHLLAFSKSCSLPQTSGLQKPESLDGVLEASLYSTEVVALSRLQGSLQDILQQLDVSPEC
;
A
2 'polypeptide(L)'
;AHHHHHHPGGPGSENLYFQGGSSGTQDVVYFPPKILTSVGSNASFHCIYKNENQIISSKQIVWWRNLAEKIPEIQYSIVS
DRVSKVTFSNLKATRPRGKFTYDAVYCCNEQACHHRYAELYVIDVNINISCETDGYLTKMTCRWSPSTIQSLVGSTVQLR
YHRRSLYCPDSPSIHPTSEPKNCVLQRDGFYECVFQPIFLLSGYTMWIRINHSLGSLDSPPTCVLPDSVVKPLPPSNVKA
EITVNTGLLKVSWEKPVFPENNLQFQIRYGLSGKEIQWKTHEVFDAKSKSASLLVSDLSAVYVVQVRCRRLDGLGYWSNW
SSPAYTLVMD
;
B
#
# COMPACT_ATOMS: atom_id res chain seq x y z
N VAL A 3 -7.11 -10.39 -16.90
CA VAL A 3 -7.75 -10.37 -15.58
C VAL A 3 -8.48 -11.69 -15.29
N PRO A 4 -8.07 -12.41 -14.23
CA PRO A 4 -8.70 -13.72 -13.93
C PRO A 4 -10.08 -13.59 -13.32
N ILE A 5 -11.11 -14.02 -14.05
CA ILE A 5 -12.50 -13.93 -13.57
C ILE A 5 -12.75 -14.79 -12.34
N GLN A 6 -12.09 -15.94 -12.23
CA GLN A 6 -12.23 -16.83 -11.07
C GLN A 6 -11.81 -16.10 -9.79
N LYS A 7 -10.74 -15.30 -9.87
CA LYS A 7 -10.24 -14.51 -8.75
C LYS A 7 -11.18 -13.36 -8.42
N VAL A 8 -11.82 -12.77 -9.44
CA VAL A 8 -12.75 -11.68 -9.25
C VAL A 8 -14.02 -12.18 -8.54
N GLN A 9 -14.51 -13.37 -8.91
CA GLN A 9 -15.69 -13.95 -8.27
C GLN A 9 -15.40 -14.32 -6.82
N ASP A 10 -14.21 -14.87 -6.55
CA ASP A 10 -13.81 -15.21 -5.19
C ASP A 10 -13.60 -13.94 -4.34
N ASP A 11 -12.99 -12.90 -4.92
CA ASP A 11 -12.75 -11.64 -4.21
C ASP A 11 -14.05 -10.89 -3.92
N THR A 12 -15.06 -11.03 -4.80
CA THR A 12 -16.36 -10.40 -4.60
C THR A 12 -17.02 -11.02 -3.37
N LYS A 13 -17.00 -12.36 -3.27
CA LYS A 13 -17.57 -13.09 -2.16
C LYS A 13 -16.84 -12.74 -0.86
N THR A 14 -15.50 -12.65 -0.90
CA THR A 14 -14.69 -12.30 0.28
C THR A 14 -15.02 -10.89 0.77
N LEU A 15 -15.20 -9.94 -0.17
CA LEU A 15 -15.53 -8.56 0.19
C LEU A 15 -16.92 -8.45 0.81
N ILE A 16 -17.89 -9.23 0.30
CA ILE A 16 -19.24 -9.24 0.86
C ILE A 16 -19.18 -9.75 2.30
N LYS A 17 -18.44 -10.84 2.55
CA LYS A 17 -18.27 -11.38 3.90
C LYS A 17 -17.63 -10.34 4.83
N THR A 18 -16.66 -9.57 4.31
CA THR A 18 -15.98 -8.51 5.04
C THR A 18 -16.97 -7.42 5.48
N ILE A 19 -17.85 -6.97 4.57
CA ILE A 19 -18.84 -5.94 4.89
C ILE A 19 -19.85 -6.45 5.92
N VAL A 20 -20.27 -7.70 5.78
CA VAL A 20 -21.20 -8.32 6.72
C VAL A 20 -20.58 -8.37 8.12
N THR A 21 -19.29 -8.70 8.22
CA THR A 21 -18.57 -8.74 9.49
C THR A 21 -18.47 -7.34 10.13
N ARG A 22 -18.23 -6.31 9.32
CA ARG A 22 -18.19 -4.93 9.81
C ARG A 22 -19.53 -4.53 10.43
N ILE A 23 -20.63 -4.93 9.78
CA ILE A 23 -21.98 -4.63 10.25
C ILE A 23 -22.28 -5.41 11.55
N ASN A 24 -21.75 -6.63 11.71
CA ASN A 24 -21.89 -7.41 12.94
C ASN A 24 -21.20 -6.71 14.10
N ASP A 25 -20.07 -6.04 13.83
CA ASP A 25 -19.35 -5.31 14.88
C ASP A 25 -20.08 -4.04 15.33
N ILE A 26 -20.93 -3.46 14.48
CA ILE A 26 -21.73 -2.30 14.86
C ILE A 26 -22.89 -2.81 15.73
N SER A 27 -22.65 -2.80 17.04
CA SER A 27 -23.51 -3.30 18.11
C SER A 27 -25.03 -3.07 17.98
N HIS A 28 -25.47 -1.83 17.75
CA HIS A 28 -26.89 -1.48 17.66
C HIS A 28 -27.64 -2.00 16.42
N THR A 29 -26.97 -2.74 15.53
CA THR A 29 -27.63 -3.27 14.33
C THR A 29 -27.97 -4.75 14.46
N GLN A 30 -27.18 -5.51 15.23
CA GLN A 30 -27.39 -6.95 15.38
C GLN A 30 -28.63 -7.32 16.18
N SER A 31 -29.04 -6.45 17.09
CA SER A 31 -30.24 -6.69 17.91
C SER A 31 -31.56 -6.45 17.12
N VAL A 32 -31.48 -5.81 15.94
CA VAL A 32 -32.62 -5.45 15.13
C VAL A 32 -32.94 -6.47 14.04
N SER A 33 -34.20 -6.92 13.98
CA SER A 33 -34.67 -7.87 12.98
C SER A 33 -34.83 -7.20 11.60
N ALA A 34 -34.06 -7.65 10.59
CA ALA A 34 -34.13 -7.12 9.22
C ALA A 34 -35.45 -7.43 8.50
N LYS A 35 -36.22 -8.42 8.98
CA LYS A 35 -37.50 -8.78 8.41
C LYS A 35 -38.60 -7.89 9.00
N GLN A 36 -38.53 -7.60 10.33
CA GLN A 36 -39.50 -6.75 11.01
C GLN A 36 -39.48 -5.34 10.39
N ARG A 37 -40.56 -5.00 9.71
CA ARG A 37 -40.71 -3.75 8.96
C ARG A 37 -40.90 -2.49 9.78
N VAL A 38 -40.34 -1.40 9.27
CA VAL A 38 -40.42 -0.06 9.83
C VAL A 38 -41.00 0.81 8.72
N THR A 39 -42.10 1.51 9.02
CA THR A 39 -42.75 2.37 8.04
C THR A 39 -42.02 3.70 7.87
N GLY A 40 -42.09 4.26 6.68
CA GLY A 40 -41.42 5.52 6.37
C GLY A 40 -40.04 5.34 5.75
N LEU A 41 -39.47 4.13 5.85
CA LEU A 41 -38.16 3.82 5.29
C LEU A 41 -38.30 2.76 4.20
N ASP A 42 -39.34 2.88 3.38
CA ASP A 42 -39.58 1.96 2.27
C ASP A 42 -38.63 2.18 1.09
N PHE A 43 -38.00 3.37 1.00
CA PHE A 43 -37.01 3.68 -0.02
C PHE A 43 -35.66 2.94 0.18
N ILE A 44 -35.55 2.09 1.21
CA ILE A 44 -34.35 1.30 1.48
C ILE A 44 -34.63 -0.12 1.03
N PRO A 45 -33.78 -0.68 0.16
CA PRO A 45 -34.03 -2.03 -0.35
C PRO A 45 -34.15 -3.09 0.74
N GLY A 46 -35.21 -3.89 0.69
CA GLY A 46 -35.43 -4.91 1.69
C GLY A 46 -36.29 -6.08 1.25
N LEU A 47 -37.52 -5.79 0.81
CA LEU A 47 -38.46 -6.84 0.39
C LEU A 47 -38.12 -7.46 -0.98
N HIS A 48 -37.36 -6.74 -1.80
CA HIS A 48 -36.98 -7.17 -3.15
C HIS A 48 -36.09 -8.40 -3.13
N PRO A 49 -36.27 -9.30 -4.10
CA PRO A 49 -35.47 -10.54 -4.09
C PRO A 49 -34.03 -10.34 -4.56
N ILE A 50 -33.78 -9.33 -5.43
CA ILE A 50 -32.47 -9.01 -6.01
C ILE A 50 -31.92 -10.23 -6.75
N LEU A 51 -32.23 -10.33 -8.05
CA LEU A 51 -31.80 -11.49 -8.83
C LEU A 51 -30.79 -11.14 -9.90
N SER A 52 -30.97 -9.99 -10.57
CA SER A 52 -30.09 -9.63 -11.68
C SER A 52 -28.88 -8.78 -11.31
N LEU A 53 -27.89 -8.69 -12.21
CA LEU A 53 -26.71 -7.87 -12.03
C LEU A 53 -27.06 -6.40 -11.95
N SER A 54 -28.00 -5.95 -12.80
CA SER A 54 -28.46 -4.57 -12.79
C SER A 54 -29.28 -4.24 -11.55
N LYS A 55 -30.04 -5.23 -11.03
CA LYS A 55 -30.81 -5.02 -9.80
C LYS A 55 -29.85 -4.92 -8.62
N MET A 56 -28.79 -5.76 -8.60
CA MET A 56 -27.76 -5.73 -7.56
C MET A 56 -27.06 -4.37 -7.60
N ASP A 57 -26.74 -3.88 -8.80
CA ASP A 57 -26.07 -2.60 -8.95
C ASP A 57 -26.94 -1.43 -8.47
N GLN A 58 -28.22 -1.41 -8.87
CA GLN A 58 -29.11 -0.33 -8.44
C GLN A 58 -29.37 -0.37 -6.94
N THR A 59 -29.42 -1.58 -6.36
CA THR A 59 -29.62 -1.77 -4.92
C THR A 59 -28.44 -1.20 -4.14
N LEU A 60 -27.20 -1.55 -4.54
CA LEU A 60 -25.99 -1.06 -3.86
C LEU A 60 -25.80 0.44 -4.02
N ALA A 61 -26.23 1.01 -5.15
CA ALA A 61 -26.13 2.45 -5.38
C ALA A 61 -27.06 3.21 -4.42
N VAL A 62 -28.26 2.64 -4.14
CA VAL A 62 -29.19 3.25 -3.20
C VAL A 62 -28.57 3.23 -1.80
N TYR A 63 -28.04 2.09 -1.36
CA TYR A 63 -27.38 1.98 -0.05
C TYR A 63 -26.18 2.91 0.06
N GLN A 64 -25.46 3.10 -1.04
CA GLN A 64 -24.29 3.96 -1.16
C GLN A 64 -24.71 5.40 -0.89
N GLN A 65 -25.80 5.86 -1.55
CA GLN A 65 -26.34 7.21 -1.41
C GLN A 65 -26.85 7.45 0.01
N VAL A 66 -27.48 6.44 0.61
CA VAL A 66 -28.01 6.49 1.98
C VAL A 66 -26.86 6.61 2.99
N LEU A 67 -25.84 5.75 2.89
CA LEU A 67 -24.72 5.74 3.82
C LEU A 67 -23.83 6.97 3.75
N THR A 68 -23.76 7.65 2.59
CA THR A 68 -22.95 8.85 2.41
C THR A 68 -23.43 10.00 3.32
N SER A 69 -24.76 10.12 3.47
CA SER A 69 -25.41 11.14 4.29
C SER A 69 -25.23 10.92 5.80
N LEU A 70 -25.13 9.66 6.25
CA LEU A 70 -24.94 9.31 7.65
C LEU A 70 -23.58 9.82 8.16
N PRO A 71 -23.51 10.33 9.40
CA PRO A 71 -22.26 10.96 9.86
C PRO A 71 -21.24 10.09 10.61
N SER A 72 -21.31 8.75 10.50
CA SER A 72 -20.37 7.89 11.23
C SER A 72 -19.14 7.48 10.41
N GLN A 73 -18.01 7.15 11.08
CA GLN A 73 -16.83 6.68 10.33
C GLN A 73 -16.95 5.19 9.97
N ASN A 74 -17.77 4.42 10.74
CA ASN A 74 -18.04 3.02 10.45
C ASN A 74 -18.80 2.92 9.12
N VAL A 75 -19.76 3.83 8.89
CA VAL A 75 -20.50 3.81 7.63
C VAL A 75 -19.63 4.30 6.48
N LEU A 76 -18.69 5.22 6.71
CA LEU A 76 -17.78 5.70 5.66
C LEU A 76 -16.92 4.56 5.09
N GLN A 77 -16.42 3.66 5.95
CA GLN A 77 -15.63 2.53 5.49
C GLN A 77 -16.48 1.54 4.69
N ILE A 78 -17.70 1.25 5.16
CA ILE A 78 -18.62 0.37 4.45
C ILE A 78 -18.99 0.97 3.09
N ALA A 79 -19.12 2.31 3.01
CA ALA A 79 -19.40 2.99 1.74
C ALA A 79 -18.25 2.78 0.75
N ASN A 80 -17.00 2.76 1.22
CA ASN A 80 -15.83 2.50 0.36
C ASN A 80 -15.85 1.06 -0.13
N ASP A 81 -16.20 0.10 0.74
CA ASP A 81 -16.28 -1.31 0.33
C ASP A 81 -17.37 -1.49 -0.73
N LEU A 82 -18.51 -0.76 -0.60
CA LEU A 82 -19.58 -0.82 -1.59
C LEU A 82 -19.13 -0.27 -2.94
N GLU A 83 -18.23 0.73 -2.94
CA GLU A 83 -17.68 1.27 -4.19
C GLU A 83 -16.86 0.19 -4.89
N ASN A 84 -16.06 -0.60 -4.14
CA ASN A 84 -15.29 -1.70 -4.73
C ASN A 84 -16.24 -2.77 -5.24
N LEU A 85 -17.28 -3.12 -4.45
CA LEU A 85 -18.27 -4.13 -4.79
C LEU A 85 -19.03 -3.80 -6.08
N ARG A 86 -19.44 -2.53 -6.28
CA ARG A 86 -20.13 -2.13 -7.50
C ARG A 86 -19.22 -2.28 -8.71
N ASP A 87 -17.94 -1.91 -8.58
CA ASP A 87 -16.96 -2.05 -9.65
C ASP A 87 -16.71 -3.52 -9.99
N LEU A 88 -16.69 -4.41 -8.97
CA LEU A 88 -16.52 -5.84 -9.20
C LEU A 88 -17.72 -6.38 -9.96
N LEU A 89 -18.94 -5.92 -9.63
CA LEU A 89 -20.15 -6.34 -10.35
C LEU A 89 -20.11 -5.89 -11.80
N HIS A 90 -19.60 -4.68 -12.07
CA HIS A 90 -19.48 -4.19 -13.44
C HIS A 90 -18.45 -5.00 -14.21
N LEU A 91 -17.33 -5.40 -13.56
CA LEU A 91 -16.29 -6.23 -14.14
C LEU A 91 -16.84 -7.64 -14.44
N LEU A 92 -17.72 -8.16 -13.58
CA LEU A 92 -18.36 -9.45 -13.80
C LEU A 92 -19.42 -9.36 -14.91
N ALA A 93 -20.09 -8.21 -15.06
CA ALA A 93 -21.06 -7.97 -16.12
C ALA A 93 -20.35 -7.86 -17.47
N PHE A 94 -19.14 -7.27 -17.50
CA PHE A 94 -18.29 -7.14 -18.68
C PHE A 94 -17.95 -8.56 -19.16
N SER A 95 -17.57 -9.45 -18.22
CA SER A 95 -17.36 -10.87 -18.50
C SER A 95 -18.79 -11.41 -18.60
N LYS A 96 -19.23 -11.75 -19.80
CA LYS A 96 -20.59 -12.17 -20.21
C LYS A 96 -21.29 -11.05 -21.05
N SER A 97 -20.47 -10.15 -21.64
CA SER A 97 -20.78 -9.04 -22.54
C SER A 97 -22.12 -8.33 -22.29
N CYS A 98 -22.25 -7.71 -21.13
CA CYS A 98 -23.44 -6.92 -20.82
C CYS A 98 -23.09 -5.65 -20.07
N SER A 99 -23.87 -4.59 -20.29
CA SER A 99 -23.65 -3.30 -19.64
C SER A 99 -24.74 -2.99 -18.61
N LEU A 100 -24.42 -2.12 -17.65
CA LEU A 100 -25.32 -1.72 -16.57
C LEU A 100 -25.49 -0.17 -16.57
N PRO A 101 -26.66 0.36 -16.18
CA PRO A 101 -26.85 1.82 -16.20
C PRO A 101 -26.30 2.56 -14.95
N GLN A 102 -26.60 3.87 -14.81
CA GLN A 102 -26.13 4.66 -13.66
C GLN A 102 -26.92 4.30 -12.40
N LYS A 108 -36.67 6.73 -6.86
CA LYS A 108 -35.71 7.12 -5.83
C LYS A 108 -36.07 8.51 -5.28
N PRO A 109 -36.98 8.59 -4.30
CA PRO A 109 -37.34 9.91 -3.75
C PRO A 109 -36.29 10.45 -2.77
N GLU A 110 -36.26 11.78 -2.60
CA GLU A 110 -35.31 12.38 -1.66
C GLU A 110 -35.97 12.76 -0.34
N SER A 111 -36.88 11.89 0.12
CA SER A 111 -37.48 12.03 1.45
C SER A 111 -36.49 11.61 2.57
N LEU A 112 -35.29 11.08 2.19
CA LEU A 112 -34.17 10.66 3.01
C LEU A 112 -33.66 11.82 3.87
N ASP A 113 -33.63 13.04 3.30
CA ASP A 113 -33.16 14.21 4.03
C ASP A 113 -34.02 14.46 5.28
N GLY A 114 -35.33 14.26 5.14
CA GLY A 114 -36.28 14.45 6.23
C GLY A 114 -36.20 13.38 7.30
N VAL A 115 -36.01 12.12 6.88
CA VAL A 115 -35.89 11.03 7.85
C VAL A 115 -34.54 11.05 8.57
N LEU A 116 -33.50 11.66 7.98
CA LEU A 116 -32.20 11.77 8.66
C LEU A 116 -32.27 12.87 9.73
N GLU A 117 -32.99 13.96 9.45
CA GLU A 117 -33.16 15.09 10.34
C GLU A 117 -34.01 14.67 11.54
N ALA A 118 -35.13 13.98 11.29
CA ALA A 118 -36.05 13.57 12.36
C ALA A 118 -35.67 12.28 13.06
N SER A 119 -35.25 11.27 12.31
CA SER A 119 -34.97 9.95 12.88
C SER A 119 -33.62 9.38 12.44
N LEU A 120 -32.52 9.90 12.98
CA LEU A 120 -31.19 9.42 12.61
C LEU A 120 -30.97 7.98 13.05
N TYR A 121 -31.35 7.63 14.30
CA TYR A 121 -31.19 6.28 14.80
C TYR A 121 -31.89 5.24 13.94
N SER A 122 -33.12 5.52 13.52
CA SER A 122 -33.86 4.59 12.66
C SER A 122 -33.25 4.49 11.27
N THR A 123 -32.78 5.61 10.71
CA THR A 123 -32.19 5.59 9.38
C THR A 123 -30.91 4.75 9.36
N GLU A 124 -29.97 5.00 10.28
CA GLU A 124 -28.73 4.24 10.36
C GLU A 124 -28.92 2.76 10.66
N VAL A 125 -29.65 2.45 11.74
CA VAL A 125 -29.90 1.08 12.17
C VAL A 125 -30.62 0.28 11.08
N VAL A 126 -31.71 0.82 10.49
CA VAL A 126 -32.43 0.10 9.44
C VAL A 126 -31.60 0.00 8.16
N ALA A 127 -30.83 1.03 7.79
CA ALA A 127 -30.02 0.95 6.57
C ALA A 127 -28.97 -0.16 6.66
N LEU A 128 -28.23 -0.23 7.78
CA LEU A 128 -27.20 -1.25 7.97
C LEU A 128 -27.78 -2.64 8.10
N SER A 129 -28.94 -2.76 8.75
CA SER A 129 -29.63 -4.03 8.95
C SER A 129 -30.18 -4.56 7.62
N ARG A 130 -30.72 -3.66 6.78
CA ARG A 130 -31.24 -4.02 5.47
C ARG A 130 -30.07 -4.34 4.53
N LEU A 131 -28.95 -3.60 4.63
CA LEU A 131 -27.77 -3.82 3.80
C LEU A 131 -27.22 -5.21 4.04
N GLN A 132 -27.14 -5.62 5.30
CA GLN A 132 -26.64 -6.95 5.68
C GLN A 132 -27.49 -8.05 5.06
N GLY A 133 -28.81 -7.90 5.14
CA GLY A 133 -29.74 -8.85 4.57
C GLY A 133 -29.59 -8.93 3.05
N SER A 134 -29.43 -7.76 2.41
CA SER A 134 -29.24 -7.67 0.95
C SER A 134 -27.96 -8.35 0.52
N LEU A 135 -26.86 -8.14 1.27
CA LEU A 135 -25.56 -8.73 0.97
C LEU A 135 -25.58 -10.24 1.15
N GLN A 136 -26.27 -10.74 2.19
CA GLN A 136 -26.38 -12.18 2.38
C GLN A 136 -27.19 -12.83 1.23
N ASP A 137 -28.17 -12.09 0.66
CA ASP A 137 -28.96 -12.56 -0.48
C ASP A 137 -28.09 -12.57 -1.74
N ILE A 138 -27.27 -11.53 -1.95
CA ILE A 138 -26.37 -11.44 -3.09
C ILE A 138 -25.35 -12.57 -3.03
N LEU A 139 -24.76 -12.82 -1.86
CA LEU A 139 -23.78 -13.87 -1.65
C LEU A 139 -24.35 -15.25 -1.93
N GLN A 140 -25.56 -15.53 -1.43
CA GLN A 140 -26.21 -16.82 -1.60
C GLN A 140 -26.61 -17.09 -3.06
N GLN A 141 -26.87 -16.03 -3.82
CA GLN A 141 -27.23 -16.14 -5.24
C GLN A 141 -26.01 -16.04 -6.18
N LEU A 142 -24.80 -15.76 -5.66
CA LEU A 142 -23.61 -15.69 -6.51
C LEU A 142 -23.12 -17.10 -6.93
N ASP A 143 -23.48 -18.16 -6.18
CA ASP A 143 -23.12 -19.55 -6.51
C ASP A 143 -23.87 -20.00 -7.78
N VAL A 144 -25.11 -19.53 -7.94
CA VAL A 144 -25.96 -19.77 -9.11
C VAL A 144 -25.65 -18.67 -10.12
N SER A 145 -25.41 -19.01 -11.39
CA SER A 145 -25.08 -18.04 -12.43
C SER A 145 -26.13 -16.93 -12.55
N PRO A 146 -25.74 -15.67 -12.26
CA PRO A 146 -26.71 -14.57 -12.30
C PRO A 146 -26.91 -13.96 -13.68
N GLU A 147 -28.16 -13.58 -13.96
CA GLU A 147 -28.49 -12.93 -15.22
C GLU A 147 -28.04 -11.46 -15.18
N CYS A 148 -27.83 -10.87 -16.36
CA CYS A 148 -27.43 -9.46 -16.46
C CYS A 148 -28.57 -8.53 -16.11
N GLY B 24 42.98 37.92 -19.48
CA GLY B 24 42.27 38.12 -20.74
C GLY B 24 40.81 37.71 -20.67
N THR B 25 40.07 37.94 -21.77
CA THR B 25 38.65 37.62 -21.85
C THR B 25 38.44 36.12 -22.07
N GLN B 26 38.69 35.31 -21.03
CA GLN B 26 38.49 33.87 -21.11
C GLN B 26 37.14 33.49 -20.52
N ASP B 27 36.42 32.59 -21.18
CA ASP B 27 35.09 32.17 -20.74
C ASP B 27 34.75 30.77 -21.23
N VAL B 28 33.88 30.07 -20.50
CA VAL B 28 33.46 28.73 -20.87
C VAL B 28 31.95 28.62 -20.90
N VAL B 29 31.42 27.77 -21.79
CA VAL B 29 29.98 27.55 -21.90
C VAL B 29 29.70 26.08 -21.80
N TYR B 30 28.76 25.68 -20.95
CA TYR B 30 28.39 24.28 -20.82
C TYR B 30 27.03 23.99 -21.40
N PHE B 31 26.91 22.87 -22.10
CA PHE B 31 25.67 22.46 -22.69
C PHE B 31 25.34 21.07 -22.17
N PRO B 32 24.45 20.97 -21.17
CA PRO B 32 23.70 22.04 -20.52
C PRO B 32 24.43 22.61 -19.30
N PRO B 33 24.02 23.79 -18.79
CA PRO B 33 24.72 24.38 -17.64
C PRO B 33 24.67 23.51 -16.39
N LYS B 34 23.56 22.79 -16.19
CA LYS B 34 23.34 21.92 -15.04
C LYS B 34 22.58 20.66 -15.44
N ILE B 35 22.85 19.52 -14.77
CA ILE B 35 22.17 18.25 -15.02
C ILE B 35 21.64 17.67 -13.69
N LEU B 36 20.36 17.31 -13.66
CA LEU B 36 19.74 16.69 -12.49
C LEU B 36 19.36 15.28 -12.92
N THR B 37 19.98 14.26 -12.33
CA THR B 37 19.71 12.88 -12.69
C THR B 37 19.77 11.93 -11.47
N SER B 38 19.44 10.65 -11.64
CA SER B 38 19.45 9.65 -10.57
C SER B 38 20.58 8.62 -10.75
N VAL B 39 20.92 7.89 -9.67
CA VAL B 39 21.97 6.85 -9.66
C VAL B 39 21.77 5.84 -10.79
N GLY B 40 22.88 5.45 -11.42
CA GLY B 40 22.86 4.47 -12.49
C GLY B 40 22.70 5.05 -13.88
N SER B 41 22.26 6.31 -13.98
CA SER B 41 22.08 6.96 -15.27
C SER B 41 23.40 7.44 -15.88
N ASN B 42 23.36 7.81 -17.17
CA ASN B 42 24.50 8.35 -17.90
C ASN B 42 24.25 9.85 -18.10
N ALA B 43 25.33 10.66 -18.14
CA ALA B 43 25.18 12.11 -18.32
C ALA B 43 26.30 12.70 -19.14
N SER B 44 25.97 13.60 -20.07
CA SER B 44 26.98 14.22 -20.92
C SER B 44 26.93 15.73 -20.92
N PHE B 45 28.12 16.35 -20.87
CA PHE B 45 28.26 17.79 -20.92
C PHE B 45 29.07 18.18 -22.15
N HIS B 46 28.66 19.23 -22.85
CA HIS B 46 29.42 19.77 -23.99
C HIS B 46 30.03 21.10 -23.56
N CYS B 47 31.19 21.49 -24.14
CA CYS B 47 31.77 22.78 -23.75
C CYS B 47 32.51 23.51 -24.88
N ILE B 48 32.50 24.84 -24.76
CA ILE B 48 33.14 25.79 -25.64
C ILE B 48 34.07 26.62 -24.77
N TYR B 49 35.36 26.69 -25.13
CA TYR B 49 36.30 27.50 -24.37
C TYR B 49 36.70 28.67 -25.24
N LYS B 50 36.19 29.87 -24.92
CA LYS B 50 36.52 31.06 -25.67
C LYS B 50 37.71 31.72 -25.02
N ASN B 51 38.91 31.48 -25.56
CA ASN B 51 40.11 32.11 -25.03
C ASN B 51 40.31 33.44 -25.74
N GLU B 52 40.31 34.54 -24.98
CA GLU B 52 40.47 35.93 -25.43
C GLU B 52 39.84 36.23 -26.80
N ASN B 53 38.51 35.98 -26.91
CA ASN B 53 37.67 36.26 -28.08
C ASN B 53 37.81 35.26 -29.24
N GLN B 54 38.39 34.08 -29.01
CA GLN B 54 38.49 33.05 -30.05
C GLN B 54 38.37 31.66 -29.46
N ILE B 55 37.49 30.84 -30.04
CA ILE B 55 37.21 29.49 -29.53
C ILE B 55 38.34 28.53 -29.87
N ILE B 56 38.92 27.92 -28.84
CA ILE B 56 40.02 26.96 -28.98
C ILE B 56 39.57 25.63 -29.59
N SER B 57 40.52 24.81 -30.05
CA SER B 57 40.21 23.49 -30.60
C SER B 57 39.79 22.55 -29.49
N SER B 58 38.81 21.69 -29.76
CA SER B 58 38.31 20.70 -28.81
C SER B 58 39.41 19.72 -28.34
N LYS B 59 40.47 19.56 -29.14
CA LYS B 59 41.62 18.74 -28.80
C LYS B 59 42.42 19.33 -27.63
N GLN B 60 42.34 20.65 -27.41
CA GLN B 60 43.04 21.28 -26.29
C GLN B 60 42.27 21.17 -24.97
N ILE B 61 40.96 20.89 -25.04
CA ILE B 61 40.12 20.81 -23.85
C ILE B 61 40.29 19.53 -23.04
N VAL B 62 40.52 19.69 -21.74
CA VAL B 62 40.57 18.61 -20.76
C VAL B 62 39.48 18.88 -19.72
N TRP B 63 38.95 17.84 -19.07
CA TRP B 63 37.88 17.99 -18.09
C TRP B 63 38.35 17.70 -16.68
N TRP B 64 37.77 18.42 -15.70
CA TRP B 64 38.13 18.24 -14.29
C TRP B 64 36.91 18.07 -13.38
N ARG B 65 37.11 17.42 -12.23
CA ARG B 65 36.05 17.18 -11.26
C ARG B 65 36.42 17.91 -9.98
N ASN B 66 35.63 18.92 -9.60
CA ASN B 66 35.78 19.73 -8.39
C ASN B 66 37.16 20.33 -8.23
N LEU B 67 37.87 20.62 -9.35
CA LEU B 67 39.25 21.12 -9.36
C LEU B 67 40.22 20.20 -8.62
N ALA B 68 39.81 18.96 -8.31
CA ALA B 68 40.59 18.01 -7.56
C ALA B 68 41.26 16.98 -8.45
N GLU B 69 40.54 16.50 -9.48
CA GLU B 69 41.09 15.46 -10.33
C GLU B 69 40.63 15.55 -11.77
N LYS B 70 41.57 15.34 -12.70
CA LYS B 70 41.28 15.33 -14.11
C LYS B 70 40.45 14.08 -14.41
N ILE B 71 39.35 14.25 -15.14
CA ILE B 71 38.52 13.13 -15.55
C ILE B 71 39.29 12.38 -16.65
N PRO B 72 39.34 11.04 -16.63
CA PRO B 72 40.09 10.31 -17.68
C PRO B 72 39.71 10.71 -19.10
N GLU B 73 40.71 10.92 -19.98
CA GLU B 73 40.50 11.30 -21.38
C GLU B 73 39.62 10.31 -22.16
N ILE B 74 39.52 9.08 -21.67
CA ILE B 74 38.69 8.00 -22.22
C ILE B 74 37.22 8.43 -22.28
N GLN B 75 36.77 9.24 -21.31
CA GLN B 75 35.40 9.73 -21.27
C GLN B 75 35.14 10.93 -22.22
N TYR B 76 36.20 11.52 -22.80
CA TYR B 76 36.05 12.66 -23.71
C TYR B 76 35.61 12.20 -25.10
N SER B 77 34.97 13.11 -25.84
CA SER B 77 34.48 12.85 -27.19
C SER B 77 34.61 14.14 -27.98
N ILE B 78 35.25 14.08 -29.14
CA ILE B 78 35.41 15.27 -29.98
C ILE B 78 34.15 15.42 -30.83
N VAL B 79 33.20 16.22 -30.38
CA VAL B 79 31.95 16.46 -31.09
C VAL B 79 32.24 17.17 -32.41
N SER B 80 33.10 18.18 -32.37
CA SER B 80 33.50 18.96 -33.54
C SER B 80 34.87 19.62 -33.32
N ASP B 81 35.36 20.43 -34.29
CA ASP B 81 36.66 21.11 -34.14
C ASP B 81 36.68 22.06 -32.94
N ARG B 82 35.53 22.53 -32.47
CA ARG B 82 35.46 23.46 -31.35
C ARG B 82 34.74 22.94 -30.12
N VAL B 83 33.95 21.85 -30.26
CA VAL B 83 33.17 21.34 -29.14
C VAL B 83 33.69 20.03 -28.55
N SER B 84 34.06 20.06 -27.27
CA SER B 84 34.47 18.86 -26.55
C SER B 84 33.30 18.33 -25.72
N LYS B 85 33.28 17.03 -25.46
CA LYS B 85 32.18 16.41 -24.72
C LYS B 85 32.70 15.46 -23.66
N VAL B 86 32.07 15.42 -22.47
CA VAL B 86 32.47 14.46 -21.45
C VAL B 86 31.29 13.57 -21.11
N THR B 87 31.50 12.25 -21.05
CA THR B 87 30.42 11.32 -20.73
C THR B 87 30.68 10.59 -19.46
N PHE B 88 29.72 10.61 -18.54
CA PHE B 88 29.81 9.88 -17.29
C PHE B 88 28.86 8.71 -17.41
N SER B 89 29.33 7.50 -17.09
CA SER B 89 28.48 6.32 -17.19
C SER B 89 28.21 5.71 -15.82
N ASN B 90 26.98 5.16 -15.63
CA ASN B 90 26.50 4.53 -14.39
C ASN B 90 26.82 5.38 -13.15
N LEU B 91 26.36 6.62 -13.16
CA LEU B 91 26.60 7.61 -12.12
C LEU B 91 26.30 7.18 -10.70
N LYS B 92 27.24 7.43 -9.80
CA LYS B 92 27.06 7.17 -8.37
C LYS B 92 26.51 8.45 -7.73
N ALA B 93 25.73 8.33 -6.64
CA ALA B 93 25.14 9.49 -5.94
C ALA B 93 26.22 10.49 -5.52
N THR B 94 26.04 11.77 -5.86
CA THR B 94 27.04 12.78 -5.54
C THR B 94 27.16 12.99 -4.04
N ARG B 95 28.37 12.80 -3.51
CA ARG B 95 28.61 13.00 -2.08
C ARG B 95 28.72 14.49 -1.84
N PRO B 96 27.90 15.02 -0.92
CA PRO B 96 27.93 16.47 -0.68
C PRO B 96 29.17 16.92 0.07
N ARG B 97 29.72 18.07 -0.30
CA ARG B 97 30.87 18.64 0.37
C ARG B 97 30.38 19.90 1.05
N GLY B 98 29.85 19.76 2.26
CA GLY B 98 29.30 20.89 3.00
C GLY B 98 28.02 21.40 2.34
N LYS B 99 28.00 22.69 1.99
CA LYS B 99 26.84 23.33 1.34
C LYS B 99 26.63 22.86 -0.10
N PHE B 100 27.65 22.29 -0.73
CA PHE B 100 27.60 21.88 -2.13
C PHE B 100 27.05 20.48 -2.33
N THR B 101 25.82 20.41 -2.83
CA THR B 101 25.15 19.13 -3.09
C THR B 101 25.41 18.58 -4.51
N TYR B 102 26.10 19.35 -5.37
CA TYR B 102 26.40 18.98 -6.75
C TYR B 102 27.90 18.81 -6.97
N ASP B 103 28.29 18.14 -8.06
CA ASP B 103 29.70 18.00 -8.41
C ASP B 103 30.00 19.03 -9.49
N ALA B 104 31.09 19.77 -9.32
CA ALA B 104 31.46 20.80 -10.28
C ALA B 104 32.31 20.22 -11.39
N VAL B 105 31.78 20.19 -12.61
CA VAL B 105 32.49 19.66 -13.77
C VAL B 105 33.12 20.83 -14.54
N TYR B 106 34.42 20.76 -14.82
CA TYR B 106 35.16 21.84 -15.47
C TYR B 106 35.66 21.56 -16.88
N CYS B 107 35.52 22.54 -17.77
CA CYS B 107 36.00 22.55 -19.14
C CYS B 107 37.29 23.37 -19.01
N CYS B 108 38.44 22.76 -19.29
CA CYS B 108 39.74 23.40 -19.08
C CYS B 108 40.59 23.48 -20.32
N ASN B 109 41.37 24.54 -20.43
CA ASN B 109 42.29 24.74 -21.55
C ASN B 109 43.64 24.20 -21.10
N GLU B 110 43.82 22.88 -21.20
CA GLU B 110 45.05 22.19 -20.78
C GLU B 110 45.23 22.36 -19.24
N GLN B 111 46.45 22.65 -18.73
CA GLN B 111 46.66 22.82 -17.28
C GLN B 111 45.77 23.92 -16.65
N ALA B 112 45.46 24.98 -17.41
CA ALA B 112 44.66 26.11 -16.93
C ALA B 112 43.15 25.93 -17.00
N CYS B 113 42.49 25.84 -15.84
CA CYS B 113 41.03 25.74 -15.75
C CYS B 113 40.40 27.14 -15.62
N HIS B 114 39.08 27.23 -15.76
CA HIS B 114 38.37 28.49 -15.59
C HIS B 114 37.52 28.42 -14.30
N HIS B 115 37.00 29.56 -13.82
CA HIS B 115 36.17 29.56 -12.62
C HIS B 115 34.78 28.98 -12.87
N ARG B 116 34.26 29.07 -14.11
CA ARG B 116 32.93 28.55 -14.41
C ARG B 116 32.90 27.04 -14.59
N TYR B 117 31.91 26.41 -13.97
CA TYR B 117 31.70 24.95 -13.96
C TYR B 117 30.26 24.58 -14.28
N ALA B 118 30.02 23.29 -14.55
CA ALA B 118 28.71 22.72 -14.80
C ALA B 118 28.30 21.97 -13.53
N GLU B 119 27.05 22.12 -13.10
CA GLU B 119 26.59 21.46 -11.88
C GLU B 119 25.95 20.10 -12.16
N LEU B 120 26.55 19.02 -11.65
CA LEU B 120 26.02 17.68 -11.85
C LEU B 120 25.43 17.16 -10.55
N TYR B 121 24.11 16.99 -10.51
CA TYR B 121 23.43 16.50 -9.31
C TYR B 121 22.94 15.07 -9.55
N VAL B 122 23.45 14.10 -8.78
CA VAL B 122 23.02 12.71 -8.90
C VAL B 122 22.44 12.29 -7.57
N ILE B 123 21.15 11.99 -7.53
CA ILE B 123 20.46 11.66 -6.29
C ILE B 123 19.99 10.22 -6.27
N ASP B 124 20.22 9.50 -5.14
CA ASP B 124 19.70 8.14 -5.05
C ASP B 124 18.23 8.17 -4.79
N VAL B 125 17.47 8.01 -5.86
CA VAL B 125 16.03 8.03 -5.80
C VAL B 125 15.42 6.62 -5.56
N ASN B 126 16.25 5.61 -5.24
CA ASN B 126 15.74 4.25 -4.98
C ASN B 126 15.16 4.10 -3.57
N ILE B 127 14.07 4.81 -3.27
CA ILE B 127 13.44 4.72 -1.96
C ILE B 127 12.39 3.60 -1.94
N ASN B 128 12.42 2.73 -0.91
CA ASN B 128 11.45 1.66 -0.81
C ASN B 128 10.31 2.06 0.11
N ILE B 129 9.07 1.88 -0.35
CA ILE B 129 7.89 2.20 0.44
C ILE B 129 7.23 0.89 0.85
N SER B 130 7.01 0.65 2.15
CA SER B 130 6.35 -0.57 2.59
C SER B 130 5.05 -0.22 3.27
N CYS B 131 3.96 -0.91 2.89
CA CYS B 131 2.65 -0.60 3.43
C CYS B 131 2.07 -1.72 4.27
N GLU B 132 1.26 -1.37 5.26
CA GLU B 132 0.65 -2.33 6.14
C GLU B 132 -0.75 -1.89 6.52
N THR B 133 -1.75 -2.74 6.25
CA THR B 133 -3.14 -2.48 6.59
C THR B 133 -3.40 -3.07 7.98
N ASP B 134 -4.11 -2.33 8.84
CA ASP B 134 -4.39 -2.77 10.20
C ASP B 134 -5.28 -4.03 10.24
N GLY B 135 -5.32 -4.68 11.40
CA GLY B 135 -6.11 -5.88 11.61
C GLY B 135 -7.61 -5.70 11.49
N TYR B 136 -8.09 -4.45 11.56
CA TYR B 136 -9.51 -4.14 11.41
C TYR B 136 -9.90 -3.70 9.99
N LEU B 137 -8.93 -3.62 9.07
CA LEU B 137 -9.13 -3.23 7.67
C LEU B 137 -9.77 -1.84 7.57
N THR B 138 -9.30 -0.90 8.39
CA THR B 138 -9.80 0.48 8.42
C THR B 138 -8.79 1.50 7.89
N LYS B 139 -7.49 1.14 7.84
CA LYS B 139 -6.45 2.06 7.41
C LYS B 139 -5.21 1.34 6.90
N MET B 140 -4.40 2.03 6.09
CA MET B 140 -3.16 1.47 5.59
C MET B 140 -2.07 2.47 5.88
N THR B 141 -1.02 2.05 6.56
CA THR B 141 0.10 2.91 6.90
C THR B 141 1.29 2.56 6.02
N CYS B 142 1.84 3.55 5.31
CA CYS B 142 3.00 3.34 4.47
C CYS B 142 4.21 4.04 5.07
N ARG B 143 5.37 3.37 5.00
CA ARG B 143 6.59 3.84 5.62
C ARG B 143 7.72 3.92 4.62
N TRP B 144 8.54 4.97 4.72
CA TRP B 144 9.68 5.15 3.84
C TRP B 144 10.78 5.97 4.49
N SER B 145 12.03 5.69 4.13
CA SER B 145 13.16 6.41 4.71
C SER B 145 13.76 7.42 3.75
N PRO B 146 13.95 8.66 4.22
CA PRO B 146 14.56 9.67 3.37
C PRO B 146 16.07 9.75 3.59
N SER B 147 16.72 8.64 3.97
CA SER B 147 18.17 8.60 4.23
C SER B 147 19.01 9.08 3.04
N THR B 148 18.51 8.88 1.82
CA THR B 148 19.22 9.31 0.62
C THR B 148 18.82 10.74 0.15
N ILE B 149 17.83 11.37 0.80
CA ILE B 149 17.32 12.69 0.41
C ILE B 149 17.54 13.77 1.48
N GLN B 150 17.79 13.38 2.74
CA GLN B 150 17.99 14.30 3.87
C GLN B 150 19.08 15.37 3.65
N SER B 151 20.16 14.99 2.95
CA SER B 151 21.28 15.88 2.62
C SER B 151 20.84 16.98 1.64
N LEU B 152 19.98 16.63 0.69
CA LEU B 152 19.51 17.57 -0.31
C LEU B 152 18.37 18.46 0.20
N VAL B 153 18.72 19.68 0.60
CA VAL B 153 17.75 20.69 1.00
C VAL B 153 17.68 21.81 -0.07
N GLY B 154 16.67 22.66 0.00
CA GLY B 154 16.42 23.67 -1.03
C GLY B 154 15.51 23.15 -2.14
N SER B 155 14.93 21.95 -1.92
CA SER B 155 14.04 21.17 -2.77
C SER B 155 13.09 20.39 -1.84
N THR B 156 11.88 20.06 -2.32
CA THR B 156 10.89 19.38 -1.50
C THR B 156 10.84 17.88 -1.78
N VAL B 157 10.44 17.08 -0.78
CA VAL B 157 10.34 15.65 -0.94
C VAL B 157 8.98 15.18 -0.45
N GLN B 158 8.16 14.54 -1.31
CA GLN B 158 6.82 14.11 -0.92
C GLN B 158 6.38 12.78 -1.52
N LEU B 159 5.47 12.07 -0.84
CA LEU B 159 4.91 10.85 -1.39
C LEU B 159 3.72 11.26 -2.26
N ARG B 160 3.67 10.73 -3.47
CA ARG B 160 2.59 10.96 -4.42
C ARG B 160 1.88 9.63 -4.67
N TYR B 161 0.59 9.68 -5.01
CA TYR B 161 -0.14 8.45 -5.30
C TYR B 161 -1.32 8.66 -6.26
N HIS B 162 -1.74 7.56 -6.87
CA HIS B 162 -2.88 7.49 -7.75
C HIS B 162 -3.59 6.17 -7.42
N ARG B 163 -4.92 6.19 -7.41
CA ARG B 163 -5.69 5.01 -7.10
C ARG B 163 -6.45 4.50 -8.32
N ARG B 164 -6.32 3.21 -8.62
CA ARG B 164 -7.02 2.56 -9.71
C ARG B 164 -8.24 1.89 -9.09
N SER B 165 -9.44 2.04 -9.69
CA SER B 165 -10.69 1.49 -9.14
C SER B 165 -10.59 0.07 -8.61
N LEU B 166 -10.00 -0.85 -9.39
CA LEU B 166 -9.83 -2.22 -8.96
C LEU B 166 -8.46 -2.73 -9.38
N TYR B 167 -7.78 -3.38 -8.44
CA TYR B 167 -6.51 -4.08 -8.61
C TYR B 167 -5.33 -3.23 -9.11
N CYS B 168 -4.15 -3.86 -9.14
CA CYS B 168 -2.88 -3.28 -9.55
C CYS B 168 -2.54 -3.71 -10.96
N PRO B 169 -1.96 -2.81 -11.76
CA PRO B 169 -1.47 -3.23 -13.09
C PRO B 169 -0.22 -4.11 -12.94
N ASP B 170 0.07 -4.95 -13.95
CA ASP B 170 1.24 -5.83 -13.92
C ASP B 170 2.57 -5.08 -13.73
N SER B 171 2.70 -3.90 -14.35
CA SER B 171 3.89 -3.07 -14.20
C SER B 171 3.45 -1.66 -13.81
N PRO B 172 3.70 -1.23 -12.56
CA PRO B 172 3.26 0.10 -12.13
C PRO B 172 3.93 1.24 -12.91
N SER B 173 3.22 2.34 -13.09
CA SER B 173 3.72 3.49 -13.83
C SER B 173 3.37 4.80 -13.15
N ILE B 174 4.24 5.80 -13.29
CA ILE B 174 4.00 7.12 -12.72
C ILE B 174 2.93 7.79 -13.57
N HIS B 175 1.69 7.75 -13.08
CA HIS B 175 0.54 8.32 -13.74
C HIS B 175 0.70 9.83 -13.76
N PRO B 176 0.38 10.49 -14.89
CA PRO B 176 0.52 11.96 -14.94
C PRO B 176 -0.34 12.67 -13.88
N THR B 177 -1.54 12.14 -13.61
CA THR B 177 -2.43 12.69 -12.59
C THR B 177 -2.22 11.94 -11.28
N SER B 178 -1.73 12.64 -10.27
CA SER B 178 -1.50 12.06 -8.96
C SER B 178 -1.85 13.09 -7.87
N GLU B 179 -1.91 12.65 -6.61
CA GLU B 179 -2.22 13.53 -5.50
C GLU B 179 -1.15 13.43 -4.42
N PRO B 180 -0.87 14.53 -3.71
CA PRO B 180 0.15 14.47 -2.65
C PRO B 180 -0.43 13.81 -1.41
N LYS B 181 0.42 13.10 -0.67
CA LYS B 181 -0.01 12.46 0.56
C LYS B 181 0.74 13.07 1.73
N ASN B 182 0.02 13.44 2.80
CA ASN B 182 0.69 14.02 3.96
C ASN B 182 1.38 12.95 4.77
N CYS B 183 2.71 13.05 4.90
CA CYS B 183 3.49 12.11 5.69
C CYS B 183 4.06 12.79 6.94
N VAL B 184 4.15 12.04 8.04
CA VAL B 184 4.65 12.57 9.30
C VAL B 184 5.98 11.92 9.63
N LEU B 185 7.01 12.73 9.93
CA LEU B 185 8.31 12.20 10.30
C LEU B 185 8.19 11.57 11.69
N GLN B 186 8.71 10.35 11.85
CA GLN B 186 8.65 9.62 13.12
C GLN B 186 9.98 9.72 13.88
N ARG B 187 10.01 9.34 15.18
CA ARG B 187 11.25 9.43 15.97
C ARG B 187 12.38 8.54 15.41
N ASP B 188 12.03 7.47 14.66
CA ASP B 188 13.02 6.59 14.05
C ASP B 188 13.65 7.13 12.75
N GLY B 189 13.19 8.28 12.27
CA GLY B 189 13.70 8.88 11.04
C GLY B 189 12.95 8.51 9.78
N PHE B 190 11.94 7.64 9.90
CA PHE B 190 11.13 7.24 8.75
C PHE B 190 9.88 8.11 8.67
N TYR B 191 9.32 8.26 7.49
CA TYR B 191 8.06 8.97 7.31
C TYR B 191 6.92 7.96 7.34
N GLU B 192 5.80 8.30 7.98
CA GLU B 192 4.62 7.45 8.01
C GLU B 192 3.46 8.21 7.42
N CYS B 193 2.82 7.60 6.45
CA CYS B 193 1.68 8.17 5.72
C CYS B 193 0.49 7.24 5.97
N VAL B 194 -0.63 7.76 6.50
CA VAL B 194 -1.79 6.92 6.79
C VAL B 194 -2.98 7.19 5.86
N PHE B 195 -3.49 6.15 5.20
CA PHE B 195 -4.65 6.25 4.32
C PHE B 195 -5.84 5.76 5.11
N GLN B 196 -6.83 6.62 5.35
CA GLN B 196 -8.01 6.23 6.11
C GLN B 196 -9.18 7.15 5.78
N PRO B 197 -10.33 6.61 5.35
CA PRO B 197 -10.62 5.18 5.10
C PRO B 197 -9.90 4.62 3.87
N ILE B 198 -9.91 3.31 3.72
CA ILE B 198 -9.23 2.63 2.61
C ILE B 198 -10.21 2.03 1.60
N PHE B 199 -9.70 1.69 0.40
CA PHE B 199 -10.42 0.97 -0.63
C PHE B 199 -9.65 -0.34 -0.77
N LEU B 200 -10.08 -1.40 -0.05
CA LEU B 200 -9.40 -2.70 0.02
C LEU B 200 -8.95 -3.30 -1.30
N LEU B 201 -9.80 -3.25 -2.35
CA LEU B 201 -9.47 -3.88 -3.62
C LEU B 201 -9.06 -2.90 -4.72
N SER B 202 -8.67 -1.67 -4.35
CA SER B 202 -8.18 -0.68 -5.30
C SER B 202 -6.66 -0.72 -5.30
N GLY B 203 -6.04 -0.55 -6.45
CA GLY B 203 -4.59 -0.52 -6.54
C GLY B 203 -4.05 0.86 -6.26
N TYR B 204 -3.21 1.01 -5.24
CA TYR B 204 -2.63 2.31 -4.89
C TYR B 204 -1.22 2.36 -5.44
N THR B 205 -0.98 3.14 -6.51
CA THR B 205 0.37 3.27 -7.05
C THR B 205 0.99 4.47 -6.36
N MET B 206 2.13 4.27 -5.69
CA MET B 206 2.79 5.37 -4.99
C MET B 206 4.28 5.41 -5.24
N TRP B 207 4.85 6.60 -5.10
CA TRP B 207 6.27 6.87 -5.29
C TRP B 207 6.65 8.18 -4.59
N ILE B 208 7.94 8.45 -4.47
CA ILE B 208 8.43 9.67 -3.85
C ILE B 208 8.84 10.62 -4.95
N ARG B 209 8.38 11.87 -4.89
CA ARG B 209 8.75 12.87 -5.87
C ARG B 209 9.65 13.91 -5.19
N ILE B 210 10.80 14.19 -5.80
CA ILE B 210 11.71 15.19 -5.29
C ILE B 210 11.55 16.37 -6.23
N ASN B 211 11.02 17.50 -5.73
CA ASN B 211 10.87 18.69 -6.55
C ASN B 211 12.04 19.62 -6.29
N HIS B 212 13.04 19.56 -7.17
CA HIS B 212 14.28 20.33 -7.13
C HIS B 212 14.11 21.62 -7.97
N SER B 213 15.00 22.60 -7.75
CA SER B 213 14.95 23.85 -8.51
C SER B 213 15.19 23.61 -10.01
N LEU B 214 15.98 22.58 -10.35
CA LEU B 214 16.30 22.26 -11.74
C LEU B 214 15.21 21.43 -12.44
N GLY B 215 14.34 20.78 -11.69
CA GLY B 215 13.28 19.96 -12.24
C GLY B 215 12.73 19.00 -11.20
N SER B 216 12.29 17.81 -11.62
CA SER B 216 11.77 16.83 -10.67
C SER B 216 12.23 15.42 -10.95
N LEU B 217 12.37 14.62 -9.90
CA LEU B 217 12.75 13.22 -10.01
C LEU B 217 11.69 12.39 -9.30
N ASP B 218 11.39 11.20 -9.83
CA ASP B 218 10.40 10.32 -9.22
C ASP B 218 11.05 8.98 -8.95
N SER B 219 10.81 8.43 -7.77
CA SER B 219 11.34 7.10 -7.42
C SER B 219 10.55 6.02 -8.19
N PRO B 220 11.08 4.78 -8.32
CA PRO B 220 10.30 3.74 -9.02
C PRO B 220 8.98 3.46 -8.32
N PRO B 221 7.86 3.53 -9.06
CA PRO B 221 6.55 3.35 -8.44
C PRO B 221 6.27 1.92 -7.99
N THR B 222 5.48 1.80 -6.95
CA THR B 222 5.05 0.51 -6.43
C THR B 222 3.53 0.52 -6.30
N CYS B 223 2.87 -0.59 -6.62
CA CYS B 223 1.42 -0.64 -6.49
C CYS B 223 1.06 -1.59 -5.39
N VAL B 224 0.23 -1.12 -4.47
CA VAL B 224 -0.18 -1.93 -3.34
C VAL B 224 -1.70 -2.08 -3.29
N LEU B 225 -2.15 -3.30 -3.04
CA LEU B 225 -3.57 -3.56 -2.88
C LEU B 225 -3.72 -3.63 -1.36
N PRO B 226 -4.47 -2.71 -0.72
CA PRO B 226 -4.56 -2.74 0.76
C PRO B 226 -4.95 -4.09 1.35
N ASP B 227 -5.81 -4.84 0.64
CA ASP B 227 -6.26 -6.17 1.04
C ASP B 227 -5.11 -7.18 1.16
N SER B 228 -4.04 -6.99 0.37
CA SER B 228 -2.88 -7.88 0.32
C SER B 228 -1.76 -7.55 1.28
N VAL B 229 -1.85 -6.45 2.03
CA VAL B 229 -0.81 -6.09 2.99
C VAL B 229 -1.36 -6.00 4.42
N VAL B 230 -2.41 -6.77 4.74
CA VAL B 230 -3.01 -6.75 6.07
C VAL B 230 -2.15 -7.50 7.08
N LYS B 231 -1.94 -6.93 8.26
CA LYS B 231 -1.25 -7.64 9.34
C LYS B 231 -2.40 -8.00 10.26
N PRO B 232 -2.86 -9.25 10.28
CA PRO B 232 -4.03 -9.59 11.11
C PRO B 232 -3.76 -9.43 12.59
N LEU B 233 -4.83 -9.34 13.39
CA LEU B 233 -4.68 -9.34 14.84
C LEU B 233 -4.29 -10.78 15.21
N PRO B 234 -3.64 -10.99 16.36
CA PRO B 234 -3.25 -12.36 16.72
C PRO B 234 -4.48 -13.22 16.99
N PRO B 235 -4.34 -14.55 16.87
CA PRO B 235 -5.46 -15.43 17.26
C PRO B 235 -5.81 -15.20 18.73
N SER B 236 -7.09 -15.25 19.06
CA SER B 236 -7.56 -14.99 20.41
C SER B 236 -8.04 -16.25 21.12
N ASN B 237 -8.31 -16.13 22.44
CA ASN B 237 -8.79 -17.23 23.27
C ASN B 237 -7.87 -18.44 23.18
N VAL B 238 -6.54 -18.20 23.22
CA VAL B 238 -5.57 -19.28 23.12
C VAL B 238 -5.51 -20.04 24.42
N LYS B 239 -5.73 -21.36 24.37
CA LYS B 239 -5.71 -22.20 25.55
C LYS B 239 -4.69 -23.34 25.36
N ALA B 240 -4.07 -23.77 26.45
CA ALA B 240 -3.13 -24.89 26.42
C ALA B 240 -3.43 -25.76 27.62
N GLU B 241 -3.71 -27.04 27.40
CA GLU B 241 -4.08 -27.94 28.47
C GLU B 241 -3.43 -29.29 28.27
N ILE B 242 -3.03 -29.98 29.37
CA ILE B 242 -2.47 -31.31 29.24
C ILE B 242 -3.47 -32.36 29.68
N THR B 243 -3.91 -33.18 28.72
CA THR B 243 -4.85 -34.28 28.92
C THR B 243 -3.99 -35.46 29.36
N VAL B 244 -4.00 -35.83 30.65
CA VAL B 244 -3.15 -36.93 31.12
C VAL B 244 -3.64 -38.31 30.63
N ASN B 245 -4.93 -38.43 30.26
CA ASN B 245 -5.48 -39.69 29.76
C ASN B 245 -4.80 -40.14 28.46
N THR B 246 -4.41 -39.17 27.63
CA THR B 246 -3.68 -39.43 26.38
C THR B 246 -2.20 -39.02 26.44
N GLY B 247 -1.85 -38.15 27.37
CA GLY B 247 -0.50 -37.65 27.49
C GLY B 247 -0.22 -36.60 26.43
N LEU B 248 -1.25 -35.81 26.07
CA LEU B 248 -1.10 -34.79 25.04
C LEU B 248 -1.23 -33.36 25.54
N LEU B 249 -0.51 -32.46 24.86
CA LEU B 249 -0.61 -31.03 25.05
C LEU B 249 -1.60 -30.56 23.98
N LYS B 250 -2.77 -30.11 24.42
CA LYS B 250 -3.80 -29.65 23.49
C LYS B 250 -3.80 -28.15 23.47
N VAL B 251 -3.55 -27.59 22.28
CA VAL B 251 -3.54 -26.15 22.06
C VAL B 251 -4.78 -25.82 21.22
N SER B 252 -5.49 -24.76 21.57
CA SER B 252 -6.65 -24.34 20.81
C SER B 252 -6.68 -22.83 20.71
N TRP B 253 -7.32 -22.31 19.67
CA TRP B 253 -7.36 -20.87 19.44
C TRP B 253 -8.59 -20.49 18.63
N GLU B 254 -8.80 -19.18 18.47
CA GLU B 254 -9.87 -18.64 17.66
C GLU B 254 -9.21 -17.69 16.69
N LYS B 255 -9.45 -17.87 15.39
CA LYS B 255 -8.84 -16.99 14.39
C LYS B 255 -9.34 -15.54 14.57
N PRO B 256 -8.53 -14.55 14.18
CA PRO B 256 -8.98 -13.16 14.31
C PRO B 256 -10.20 -12.85 13.44
N VAL B 257 -10.91 -11.77 13.78
CA VAL B 257 -12.10 -11.29 13.09
C VAL B 257 -11.85 -11.10 11.58
N PHE B 258 -10.71 -10.51 11.24
CA PHE B 258 -10.29 -10.27 9.89
C PHE B 258 -8.89 -10.87 9.68
N PRO B 259 -8.54 -11.25 8.44
CA PRO B 259 -9.36 -11.19 7.23
C PRO B 259 -10.32 -12.37 7.08
N GLU B 260 -11.23 -12.28 6.11
CA GLU B 260 -12.18 -13.35 5.82
C GLU B 260 -11.54 -14.52 5.03
N ASN B 261 -10.35 -14.31 4.45
CA ASN B 261 -9.61 -15.28 3.66
C ASN B 261 -9.06 -16.41 4.53
N ASN B 262 -8.76 -17.56 3.93
CA ASN B 262 -8.20 -18.72 4.63
C ASN B 262 -6.87 -18.37 5.26
N LEU B 263 -6.64 -18.83 6.49
CA LEU B 263 -5.40 -18.54 7.19
C LEU B 263 -4.62 -19.81 7.49
N GLN B 264 -3.32 -19.65 7.69
CA GLN B 264 -2.41 -20.68 8.15
C GLN B 264 -1.99 -20.22 9.57
N PHE B 265 -1.67 -21.16 10.45
CA PHE B 265 -1.28 -20.84 11.81
C PHE B 265 0.07 -21.41 12.13
N GLN B 266 0.76 -20.78 13.07
CA GLN B 266 2.05 -21.25 13.54
C GLN B 266 1.98 -21.25 15.05
N ILE B 267 2.33 -22.38 15.67
CA ILE B 267 2.30 -22.51 17.12
C ILE B 267 3.71 -22.66 17.62
N ARG B 268 4.13 -21.85 18.60
CA ARG B 268 5.41 -22.04 19.23
C ARG B 268 5.18 -22.45 20.67
N TYR B 269 5.91 -23.47 21.12
CA TYR B 269 5.72 -24.02 22.44
C TYR B 269 7.05 -24.46 23.04
N GLY B 270 7.10 -24.39 24.35
CA GLY B 270 8.30 -24.79 25.07
C GLY B 270 8.06 -24.90 26.56
N LEU B 271 9.06 -25.42 27.27
CA LEU B 271 8.97 -25.53 28.72
C LEU B 271 9.10 -24.11 29.29
N SER B 272 8.19 -23.73 30.19
CA SER B 272 8.20 -22.41 30.79
C SER B 272 9.43 -22.26 31.69
N GLY B 273 10.21 -21.21 31.46
CA GLY B 273 11.43 -20.96 32.23
C GLY B 273 12.05 -19.60 32.00
N LYS B 274 13.30 -19.39 32.46
CA LYS B 274 14.01 -18.13 32.31
C LYS B 274 14.15 -17.74 30.83
N GLU B 275 14.72 -18.63 30.00
CA GLU B 275 14.85 -18.38 28.57
C GLU B 275 14.29 -19.58 27.83
N ILE B 276 13.08 -19.43 27.32
CA ILE B 276 12.31 -20.45 26.61
C ILE B 276 13.04 -21.01 25.38
N GLN B 277 13.18 -22.33 25.31
CA GLN B 277 13.76 -23.01 24.17
C GLN B 277 12.60 -23.41 23.28
N TRP B 278 12.25 -22.57 22.30
CA TRP B 278 11.07 -22.80 21.44
C TRP B 278 11.14 -23.95 20.45
N LYS B 279 9.97 -24.54 20.19
CA LYS B 279 9.70 -25.56 19.18
C LYS B 279 8.48 -25.07 18.39
N THR B 280 8.46 -25.24 17.06
CA THR B 280 7.34 -24.74 16.26
C THR B 280 6.57 -25.82 15.52
N HIS B 281 5.27 -25.62 15.37
CA HIS B 281 4.36 -26.51 14.65
C HIS B 281 3.53 -25.68 13.67
N GLU B 282 3.46 -26.11 12.41
CA GLU B 282 2.73 -25.37 11.38
C GLU B 282 1.38 -26.02 11.04
N VAL B 283 0.34 -25.20 10.92
CA VAL B 283 -1.00 -25.67 10.59
C VAL B 283 -1.48 -25.04 9.28
N PHE B 284 -1.69 -25.84 8.23
CA PHE B 284 -2.14 -25.35 6.93
C PHE B 284 -3.63 -25.58 6.63
N ASP B 285 -4.36 -26.23 7.55
CA ASP B 285 -5.79 -26.47 7.44
C ASP B 285 -6.46 -25.17 7.90
N ALA B 286 -7.16 -24.47 6.99
CA ALA B 286 -7.77 -23.18 7.31
C ALA B 286 -8.87 -23.26 8.38
N LYS B 287 -9.61 -24.39 8.45
CA LYS B 287 -10.67 -24.50 9.44
C LYS B 287 -10.26 -25.23 10.73
N SER B 288 -8.95 -25.33 11.00
CA SER B 288 -8.44 -25.94 12.23
C SER B 288 -8.42 -24.93 13.36
N LYS B 289 -9.01 -25.30 14.49
CA LYS B 289 -9.00 -24.46 15.68
C LYS B 289 -8.21 -25.09 16.84
N SER B 290 -7.50 -26.21 16.59
CA SER B 290 -6.73 -26.91 17.61
C SER B 290 -5.61 -27.78 17.04
N ALA B 291 -4.62 -28.09 17.88
CA ALA B 291 -3.50 -28.97 17.55
C ALA B 291 -3.16 -29.81 18.77
N SER B 292 -2.84 -31.08 18.56
CA SER B 292 -2.48 -31.98 19.65
C SER B 292 -1.04 -32.37 19.49
N LEU B 293 -0.23 -32.08 20.51
CA LEU B 293 1.20 -32.33 20.45
C LEU B 293 1.59 -33.34 21.51
N LEU B 294 2.37 -34.37 21.14
CA LEU B 294 2.81 -35.37 22.12
C LEU B 294 4.07 -34.85 22.78
N VAL B 295 4.01 -34.57 24.09
CA VAL B 295 5.13 -34.00 24.84
C VAL B 295 5.81 -35.05 25.71
N SER B 296 7.09 -34.84 26.02
CA SER B 296 7.86 -35.80 26.80
C SER B 296 7.60 -35.75 28.30
N ASP B 297 7.35 -34.55 28.86
CA ASP B 297 7.11 -34.38 30.30
C ASP B 297 5.68 -33.91 30.59
N LEU B 298 4.86 -34.77 31.19
CA LEU B 298 3.47 -34.44 31.52
C LEU B 298 3.32 -33.55 32.77
N SER B 299 4.37 -33.46 33.62
CA SER B 299 4.29 -32.67 34.84
C SER B 299 4.97 -31.31 34.77
N ALA B 300 5.30 -30.83 33.56
CA ALA B 300 5.94 -29.54 33.41
C ALA B 300 4.97 -28.48 32.90
N VAL B 301 5.25 -27.22 33.18
CA VAL B 301 4.42 -26.11 32.70
C VAL B 301 4.92 -25.74 31.33
N TYR B 302 4.05 -25.76 30.30
CA TYR B 302 4.46 -25.33 28.98
C TYR B 302 3.86 -23.97 28.69
N VAL B 303 4.58 -23.17 27.91
CA VAL B 303 4.10 -21.88 27.45
C VAL B 303 3.86 -22.02 25.94
N VAL B 304 2.72 -21.51 25.46
CA VAL B 304 2.33 -21.63 24.06
C VAL B 304 1.88 -20.27 23.51
N GLN B 305 2.25 -19.98 22.27
CA GLN B 305 1.80 -18.79 21.55
C GLN B 305 1.42 -19.21 20.12
N VAL B 306 0.41 -18.55 19.55
CA VAL B 306 -0.03 -18.85 18.20
C VAL B 306 -0.06 -17.54 17.38
N ARG B 307 0.34 -17.62 16.12
CA ARG B 307 0.28 -16.50 15.20
C ARG B 307 -0.31 -16.99 13.86
N CYS B 308 -0.81 -16.06 13.04
CA CYS B 308 -1.46 -16.45 11.80
C CYS B 308 -1.10 -15.57 10.60
N ARG B 309 -1.35 -16.05 9.40
CA ARG B 309 -1.07 -15.36 8.15
C ARG B 309 -1.99 -15.91 7.08
N ARG B 310 -2.29 -15.13 6.00
CA ARG B 310 -3.12 -15.66 4.91
C ARG B 310 -2.46 -16.89 4.30
N LEU B 311 -3.23 -17.95 4.07
CA LEU B 311 -2.74 -19.19 3.49
C LEU B 311 -2.07 -18.96 2.13
N ASP B 312 -2.60 -18.01 1.33
CA ASP B 312 -2.02 -17.65 0.03
C ASP B 312 -0.74 -16.78 0.12
N GLY B 313 -0.32 -16.43 1.33
CA GLY B 313 0.87 -15.62 1.56
C GLY B 313 0.72 -14.15 1.23
N LEU B 314 -0.48 -13.68 0.85
CA LEU B 314 -0.69 -12.27 0.52
C LEU B 314 -1.05 -11.48 1.77
N GLY B 315 -0.05 -11.23 2.59
CA GLY B 315 -0.20 -10.49 3.84
C GLY B 315 0.95 -10.74 4.80
N TYR B 316 0.89 -10.13 5.97
CA TYR B 316 1.92 -10.30 6.99
C TYR B 316 1.52 -11.32 8.04
N TRP B 317 2.49 -11.78 8.83
CA TRP B 317 2.20 -12.64 9.97
C TRP B 317 1.66 -11.70 11.05
N SER B 318 0.67 -12.17 11.80
CA SER B 318 0.16 -11.43 12.93
C SER B 318 1.24 -11.47 14.04
N ASN B 319 1.07 -10.64 15.08
CA ASN B 319 1.94 -10.75 16.26
C ASN B 319 1.61 -12.08 16.96
N TRP B 320 2.52 -12.58 17.80
CA TRP B 320 2.25 -13.79 18.56
C TRP B 320 1.17 -13.48 19.59
N SER B 321 0.24 -14.41 19.80
CA SER B 321 -0.84 -14.21 20.77
C SER B 321 -0.27 -14.06 22.19
N SER B 322 -1.09 -13.61 23.16
CA SER B 322 -0.66 -13.53 24.56
C SER B 322 -0.39 -14.96 25.05
N PRO B 323 0.72 -15.18 25.78
CA PRO B 323 1.07 -16.55 26.17
C PRO B 323 -0.01 -17.30 26.93
N ALA B 324 -0.13 -18.59 26.64
CA ALA B 324 -1.04 -19.47 27.32
C ALA B 324 -0.17 -20.48 28.09
N TYR B 325 -0.55 -20.80 29.33
CA TYR B 325 0.23 -21.72 30.14
C TYR B 325 -0.59 -22.91 30.60
N THR B 326 0.05 -24.07 30.77
CA THR B 326 -0.61 -25.25 31.32
C THR B 326 -0.42 -25.22 32.88
N LEU B 327 -1.05 -26.14 33.63
CA LEU B 327 -0.89 -26.17 35.08
C LEU B 327 -0.24 -27.47 35.60
N VAL B 328 0.17 -27.49 36.91
CA VAL B 328 0.75 -28.64 37.62
C VAL B 328 0.70 -28.43 39.15
N MET B 329 0.13 -29.40 39.88
CA MET B 329 0.00 -29.32 41.34
C MET B 329 -0.19 -30.71 41.98
#